data_4JMX
#
_entry.id   4JMX
#
_cell.length_a   67.397
_cell.length_b   67.397
_cell.length_c   119.564
_cell.angle_alpha   90.00
_cell.angle_beta   90.00
_cell.angle_gamma   90.00
#
_symmetry.space_group_name_H-M   'P 43 21 2'
#
loop_
_entity.id
_entity.type
_entity.pdbx_description
1 polymer 'Probable L,D-transpeptidase LdtA'
2 non-polymer '(5R)-5-[(1S,2R)-1-formyl-2-hydroxypropyl]-3-[(2-{[(E)-iminomethyl]amino}ethyl)sulfanyl]-4,5-dihydro-1H-pyrrole-2-carbox ylic acid'
3 water water
#
_entity_poly.entity_id   1
_entity_poly.type   'polypeptide(L)'
_entity_poly.pdbx_seq_one_letter_code
;PLQPIPGVASVSPANGAVVGVAHPVVVTFTTPVTDRRAVERSIRISTPHNTTGHFEWVASNVVRWVPHRYWPPHTRVSVG
VQELTEGFETGDALIGVASISAHTFTVSRNGEVLRTMPASLGKPSRPTPIGSFHAMSKERTVVMDSRTIGIPLNSSDGYL
LTAHYAVRVTWSGVYVHSAPWSVNSQGYANVSHGCINLSPDNAAWYFDAVTVGDPIEVVG
;
_entity_poly.pdbx_strand_id   A
#
loop_
_chem_comp.id
_chem_comp.type
_chem_comp.name
_chem_comp.formula
IM2 non-polymer '(5R)-5-[(1S,2R)-1-formyl-2-hydroxypropyl]-3-[(2-{[(E)-iminomethyl]amino}ethyl)sulfanyl]-4,5-dihydro-1H-pyrrole-2-carbox ylic acid' 'C12 H19 N3 O4 S'
#
# COMPACT_ATOMS: atom_id res chain seq x y z
N PRO A 4 -33.60 3.62 -3.66
CA PRO A 4 -33.14 2.36 -3.04
C PRO A 4 -31.66 2.40 -2.68
N ILE A 5 -31.37 2.52 -1.39
CA ILE A 5 -29.99 2.68 -0.96
C ILE A 5 -29.34 1.34 -0.54
N PRO A 6 -28.20 0.99 -1.17
CA PRO A 6 -27.45 -0.25 -0.89
C PRO A 6 -26.93 -0.24 0.53
N GLY A 7 -26.98 -1.41 1.18
CA GLY A 7 -26.56 -1.50 2.56
C GLY A 7 -25.06 -1.67 2.64
N VAL A 8 -24.49 -1.26 3.77
CA VAL A 8 -23.06 -1.42 4.00
C VAL A 8 -22.72 -2.87 4.33
N ALA A 9 -21.69 -3.40 3.68
CA ALA A 9 -21.14 -4.72 4.00
C ALA A 9 -20.01 -4.63 5.06
N SER A 10 -19.13 -3.64 4.92
CA SER A 10 -17.94 -3.56 5.77
C SER A 10 -17.19 -2.24 5.65
N VAL A 11 -16.47 -1.90 6.71
CA VAL A 11 -15.57 -0.76 6.75
C VAL A 11 -14.17 -1.25 7.08
N SER A 12 -13.19 -0.65 6.43
CA SER A 12 -11.78 -0.90 6.71
C SER A 12 -11.08 0.44 6.90
N PRO A 13 -10.24 0.56 7.95
CA PRO A 13 -9.82 -0.51 8.88
C PRO A 13 -10.91 -0.96 9.83
N ALA A 14 -10.64 -2.07 10.50
CA ALA A 14 -11.49 -2.61 11.56
C ALA A 14 -11.55 -1.59 12.70
N ASN A 15 -12.64 -1.61 13.45
CA ASN A 15 -12.73 -0.83 14.68
C ASN A 15 -11.52 -1.11 15.61
N GLY A 16 -10.87 -0.02 16.05
CA GLY A 16 -9.80 -0.08 17.05
C GLY A 16 -8.45 -0.56 16.55
N ALA A 17 -8.30 -0.63 15.24
CA ALA A 17 -7.03 -1.00 14.64
C ALA A 17 -6.06 0.18 14.72
N VAL A 18 -4.78 -0.12 14.71
CA VAL A 18 -3.76 0.92 14.67
C VAL A 18 -3.05 0.77 13.36
N VAL A 19 -3.26 1.73 12.47
CA VAL A 19 -2.81 1.60 11.10
C VAL A 19 -1.75 2.64 10.70
N GLY A 20 -1.06 2.42 9.60
CA GLY A 20 -0.15 3.44 9.08
C GLY A 20 -0.88 4.70 8.59
N VAL A 21 -0.12 5.76 8.33
CA VAL A 21 -0.72 7.09 8.09
C VAL A 21 -1.21 7.33 6.65
N ALA A 22 -1.14 6.30 5.80
CA ALA A 22 -1.70 6.38 4.45
C ALA A 22 -2.91 5.45 4.25
N HIS A 23 -3.44 4.91 5.34
CA HIS A 23 -4.50 3.91 5.23
C HIS A 23 -5.81 4.57 4.83
N PRO A 24 -6.37 4.15 3.69
CA PRO A 24 -7.62 4.77 3.24
C PRO A 24 -8.78 4.24 4.04
N VAL A 25 -9.90 4.95 4.03
CA VAL A 25 -11.09 4.41 4.64
C VAL A 25 -11.88 3.75 3.51
N VAL A 26 -12.03 2.43 3.62
CA VAL A 26 -12.62 1.65 2.57
C VAL A 26 -14.01 1.18 2.98
N VAL A 27 -15.01 1.53 2.19
CA VAL A 27 -16.38 1.12 2.53
C VAL A 27 -16.95 0.25 1.44
N THR A 28 -17.31 -0.98 1.81
CA THR A 28 -17.81 -1.94 0.85
C THR A 28 -19.29 -2.09 1.05
N PHE A 29 -20.02 -2.20 -0.07
CA PHE A 29 -21.49 -2.29 -0.06
C PHE A 29 -22.00 -3.64 -0.54
N THR A 30 -23.26 -3.94 -0.22
CA THR A 30 -23.87 -5.25 -0.53
C THR A 30 -24.19 -5.37 -2.03
N THR A 31 -24.42 -4.24 -2.69
CA THR A 31 -24.77 -4.21 -4.09
C THR A 31 -23.92 -3.16 -4.83
N PRO A 32 -23.75 -3.29 -6.17
CA PRO A 32 -23.15 -2.18 -6.88
C PRO A 32 -23.94 -0.91 -6.58
N VAL A 33 -23.25 0.21 -6.53
CA VAL A 33 -23.86 1.50 -6.19
C VAL A 33 -24.21 2.29 -7.45
N THR A 34 -25.47 2.71 -7.52
CA THR A 34 -25.99 3.58 -8.58
C THR A 34 -25.77 5.05 -8.26
N ASP A 35 -26.13 5.47 -7.06
CA ASP A 35 -26.03 6.87 -6.73
C ASP A 35 -24.80 7.11 -5.86
N ARG A 36 -23.65 7.30 -6.50
CA ARG A 36 -22.37 7.43 -5.78
C ARG A 36 -22.29 8.63 -4.87
N ARG A 37 -22.80 9.76 -5.35
CA ARG A 37 -22.82 10.99 -4.56
C ARG A 37 -23.59 10.82 -3.24
N ALA A 38 -24.71 10.09 -3.31
CA ALA A 38 -25.48 9.78 -2.11
C ALA A 38 -24.70 8.94 -1.11
N VAL A 39 -23.95 7.95 -1.62
CA VAL A 39 -23.09 7.13 -0.77
C VAL A 39 -21.97 7.97 -0.16
N GLU A 40 -21.35 8.81 -0.99
CA GLU A 40 -20.27 9.68 -0.52
C GLU A 40 -20.77 10.67 0.53
N ARG A 41 -22.00 11.15 0.41
CA ARG A 41 -22.57 12.05 1.41
C ARG A 41 -22.84 11.32 2.72
N SER A 42 -23.17 10.03 2.61
CA SER A 42 -23.49 9.20 3.78
C SER A 42 -22.24 8.85 4.59
N ILE A 43 -21.06 9.08 4.00
CA ILE A 43 -19.83 8.65 4.66
C ILE A 43 -19.21 9.82 5.40
N ARG A 44 -19.19 9.72 6.72
CA ARG A 44 -18.68 10.79 7.59
C ARG A 44 -17.38 10.36 8.24
N ILE A 45 -16.32 11.12 7.97
CA ILE A 45 -15.01 10.79 8.54
C ILE A 45 -14.50 11.93 9.39
N SER A 46 -14.23 11.67 10.66
CA SER A 46 -13.77 12.73 11.53
C SER A 46 -12.39 12.48 12.14
N THR A 47 -11.54 13.50 12.07
CA THR A 47 -10.20 13.42 12.64
C THR A 47 -9.81 14.76 13.28
N PRO A 48 -9.08 14.73 14.42
CA PRO A 48 -8.76 15.97 15.15
C PRO A 48 -8.08 17.05 14.33
N HIS A 49 -7.37 16.67 13.28
CA HIS A 49 -6.67 17.63 12.42
C HIS A 49 -7.48 18.06 11.20
N ASN A 50 -8.72 17.60 11.10
CA ASN A 50 -9.62 17.98 9.98
C ASN A 50 -8.98 17.75 8.64
N THR A 51 -8.34 16.59 8.51
CA THR A 51 -7.71 16.13 7.28
C THR A 51 -8.70 16.19 6.10
N THR A 52 -8.22 16.57 4.92
CA THR A 52 -9.05 16.48 3.75
C THR A 52 -8.61 15.28 2.90
N GLY A 53 -9.37 15.02 1.83
CA GLY A 53 -9.16 13.86 0.99
C GLY A 53 -10.22 13.78 -0.07
N HIS A 54 -10.20 12.68 -0.84
CA HIS A 54 -11.19 12.47 -1.90
C HIS A 54 -11.69 11.02 -1.94
N PHE A 55 -12.89 10.84 -2.48
CA PHE A 55 -13.38 9.50 -2.70
C PHE A 55 -12.85 8.93 -4.00
N GLU A 56 -12.61 7.61 -4.01
CA GLU A 56 -12.24 6.88 -5.21
C GLU A 56 -13.03 5.58 -5.22
N TRP A 57 -13.70 5.35 -6.34
CA TRP A 57 -14.47 4.13 -6.57
C TRP A 57 -13.57 3.09 -7.18
N VAL A 58 -13.30 2.03 -6.42
CA VAL A 58 -12.32 1.01 -6.81
C VAL A 58 -12.96 -0.32 -7.23
N ALA A 59 -14.25 -0.47 -6.93
CA ALA A 59 -15.12 -1.51 -7.49
C ALA A 59 -16.49 -0.87 -7.56
N SER A 60 -17.45 -1.57 -8.16
CA SER A 60 -18.83 -1.05 -8.27
C SER A 60 -19.51 -0.88 -6.92
N ASN A 61 -19.09 -1.68 -5.96
CA ASN A 61 -19.63 -1.69 -4.61
C ASN A 61 -18.60 -1.25 -3.56
N VAL A 62 -17.47 -0.71 -4.00
CA VAL A 62 -16.40 -0.32 -3.08
C VAL A 62 -15.93 1.11 -3.37
N VAL A 63 -16.00 1.96 -2.33
CA VAL A 63 -15.41 3.29 -2.38
C VAL A 63 -14.37 3.45 -1.28
N ARG A 64 -13.33 4.24 -1.57
CA ARG A 64 -12.35 4.57 -0.55
C ARG A 64 -12.09 6.06 -0.43
N TRP A 65 -11.86 6.50 0.79
CA TRP A 65 -11.51 7.87 1.05
C TRP A 65 -10.03 7.94 1.40
N VAL A 66 -9.29 8.65 0.57
CA VAL A 66 -7.83 8.73 0.64
C VAL A 66 -7.47 10.08 1.25
N PRO A 67 -6.85 10.07 2.43
CA PRO A 67 -6.53 11.33 3.11
C PRO A 67 -5.43 12.07 2.36
N HIS A 68 -5.69 13.33 2.03
CA HIS A 68 -4.70 14.18 1.37
C HIS A 68 -3.52 14.40 2.33
N ARG A 69 -2.31 14.20 1.83
CA ARG A 69 -1.08 14.38 2.65
C ARG A 69 -0.93 13.49 3.92
N TYR A 70 -1.61 12.35 4.00
CA TYR A 70 -1.55 11.42 5.15
C TYR A 70 -2.33 11.89 6.36
N TRP A 71 -2.81 10.94 7.16
CA TRP A 71 -3.26 11.21 8.52
C TRP A 71 -2.08 11.70 9.36
N PRO A 72 -2.35 12.46 10.44
CA PRO A 72 -1.25 12.66 11.40
C PRO A 72 -0.95 11.36 12.13
N PRO A 73 0.30 11.20 12.61
CA PRO A 73 0.65 10.04 13.39
C PRO A 73 -0.08 10.10 14.71
N HIS A 74 -0.32 8.93 15.29
CA HIS A 74 -0.99 8.79 16.57
C HIS A 74 -2.27 9.62 16.73
N THR A 75 -3.17 9.53 15.77
CA THR A 75 -4.46 10.23 15.86
C THR A 75 -5.66 9.27 15.90
N ARG A 76 -6.83 9.78 16.23
CA ARG A 76 -8.07 9.01 16.19
C ARG A 76 -8.76 9.40 14.93
N VAL A 77 -9.39 8.42 14.29
CA VAL A 77 -10.24 8.67 13.15
C VAL A 77 -11.58 8.01 13.40
N SER A 78 -12.65 8.81 13.34
CA SER A 78 -14.04 8.30 13.45
C SER A 78 -14.71 8.14 12.10
N VAL A 79 -15.37 7.01 11.90
CA VAL A 79 -16.11 6.77 10.68
C VAL A 79 -17.57 6.47 10.97
N GLY A 80 -18.48 7.16 10.29
CA GLY A 80 -19.89 6.83 10.33
C GLY A 80 -20.36 6.65 8.90
N VAL A 81 -21.23 5.67 8.69
CA VAL A 81 -21.88 5.42 7.42
C VAL A 81 -23.11 4.54 7.67
N GLN A 82 -24.28 5.10 7.37
CA GLN A 82 -25.58 4.45 7.63
C GLN A 82 -25.76 4.11 9.13
N GLU A 83 -26.07 2.85 9.46
CA GLU A 83 -26.28 2.46 10.85
C GLU A 83 -24.96 2.24 11.58
N LEU A 84 -23.86 2.30 10.84
CA LEU A 84 -22.55 1.99 11.42
C LEU A 84 -21.74 3.20 11.86
N THR A 85 -21.10 3.01 13.00
CA THR A 85 -20.06 3.87 13.50
C THR A 85 -18.86 3.00 13.90
N GLU A 86 -17.66 3.57 13.85
CA GLU A 86 -16.47 2.92 14.36
C GLU A 86 -15.35 3.95 14.50
N GLY A 87 -14.28 3.56 15.17
CA GLY A 87 -13.11 4.40 15.33
C GLY A 87 -11.88 3.55 15.19
N PHE A 88 -10.83 4.14 14.63
CA PHE A 88 -9.51 3.54 14.62
C PHE A 88 -8.41 4.60 14.87
N GLU A 89 -7.17 4.16 15.01
CA GLU A 89 -6.07 5.09 15.25
C GLU A 89 -4.97 4.89 14.25
N THR A 90 -4.14 5.92 14.10
CA THR A 90 -2.85 5.80 13.39
C THR A 90 -1.69 5.53 14.36
N GLY A 91 -0.63 4.90 13.87
CA GLY A 91 0.59 4.68 14.66
C GLY A 91 1.61 5.72 14.27
N ASP A 92 2.89 5.35 14.27
CA ASP A 92 3.98 6.25 13.85
C ASP A 92 3.82 6.62 12.38
N ALA A 93 4.46 7.69 11.92
CA ALA A 93 4.56 7.94 10.48
C ALA A 93 5.82 7.27 9.93
N LEU A 94 5.64 6.08 9.39
CA LEU A 94 6.74 5.32 8.82
C LEU A 94 6.66 5.36 7.31
N ILE A 95 7.51 6.19 6.71
CA ILE A 95 7.47 6.47 5.27
C ILE A 95 8.60 5.76 4.54
N GLY A 96 8.21 4.97 3.54
CA GLY A 96 9.14 4.31 2.64
C GLY A 96 9.15 5.04 1.31
N VAL A 97 10.33 5.51 0.93
CA VAL A 97 10.51 6.19 -0.35
C VAL A 97 11.47 5.40 -1.23
N ALA A 98 10.91 4.87 -2.31
CA ALA A 98 11.64 4.16 -3.33
C ALA A 98 11.95 5.12 -4.47
N SER A 99 13.24 5.22 -4.79
CA SER A 99 13.76 6.15 -5.79
C SER A 99 14.34 5.40 -6.98
N ILE A 100 13.65 5.53 -8.11
CA ILE A 100 14.02 4.86 -9.36
C ILE A 100 15.43 5.25 -9.80
N SER A 101 15.71 6.54 -9.85
CA SER A 101 17.03 7.02 -10.26
C SER A 101 18.15 6.65 -9.29
N ALA A 102 17.90 6.84 -7.98
CA ALA A 102 18.92 6.62 -6.95
C ALA A 102 19.12 5.15 -6.58
N HIS A 103 18.15 4.31 -6.97
CA HIS A 103 18.16 2.87 -6.67
C HIS A 103 18.16 2.63 -5.16
N THR A 104 17.35 3.39 -4.43
CA THR A 104 17.29 3.29 -2.97
C THR A 104 15.88 3.19 -2.39
N PHE A 105 15.77 2.51 -1.27
CA PHE A 105 14.55 2.54 -0.50
C PHE A 105 14.92 3.09 0.87
N THR A 106 14.44 4.29 1.15
CA THR A 106 14.75 5.05 2.36
C THR A 106 13.49 5.07 3.24
N VAL A 107 13.69 4.78 4.52
CA VAL A 107 12.62 4.60 5.48
C VAL A 107 12.85 5.49 6.67
N SER A 108 11.83 6.29 6.98
CA SER A 108 11.87 7.27 8.05
C SER A 108 10.77 7.01 9.05
N ARG A 109 11.07 7.19 10.34
CA ARG A 109 10.07 7.20 11.38
C ARG A 109 9.91 8.61 11.91
N ASN A 110 8.73 9.19 11.70
CA ASN A 110 8.38 10.52 12.21
C ASN A 110 9.39 11.58 11.84
N GLY A 111 9.93 11.48 10.63
CA GLY A 111 10.87 12.46 10.13
C GLY A 111 12.31 12.00 10.21
N GLU A 112 12.62 11.15 11.20
CA GLU A 112 13.95 10.57 11.40
C GLU A 112 14.21 9.52 10.32
N VAL A 113 15.31 9.66 9.58
CA VAL A 113 15.70 8.65 8.60
C VAL A 113 16.28 7.43 9.34
N LEU A 114 15.66 6.26 9.12
CA LEU A 114 16.07 5.06 9.83
C LEU A 114 17.12 4.29 9.04
N ARG A 115 16.87 4.10 7.75
CA ARG A 115 17.73 3.33 6.87
C ARG A 115 17.58 3.82 5.46
N THR A 116 18.70 3.84 4.73
CA THR A 116 18.74 4.10 3.30
C THR A 116 19.27 2.86 2.62
N MET A 117 18.36 1.98 2.22
CA MET A 117 18.72 0.66 1.77
C MET A 117 18.92 0.64 0.26
N PRO A 118 19.94 -0.12 -0.20
CA PRO A 118 20.05 -0.41 -1.63
C PRO A 118 18.79 -1.12 -2.16
N ALA A 119 18.36 -0.75 -3.35
CA ALA A 119 17.20 -1.36 -3.99
C ALA A 119 17.33 -1.45 -5.49
N SER A 120 16.66 -2.44 -6.05
CA SER A 120 16.53 -2.55 -7.49
C SER A 120 15.04 -2.52 -7.87
N LEU A 121 14.65 -1.48 -8.60
CA LEU A 121 13.26 -1.31 -8.99
C LEU A 121 13.05 -1.91 -10.36
N GLY A 122 11.91 -1.59 -10.99
CA GLY A 122 11.54 -2.24 -12.26
C GLY A 122 12.41 -1.82 -13.44
N LYS A 123 12.72 -2.78 -14.31
CA LYS A 123 13.44 -2.49 -15.56
C LYS A 123 12.59 -1.58 -16.48
N PRO A 124 13.24 -0.78 -17.37
CA PRO A 124 12.47 0.15 -18.23
C PRO A 124 11.21 -0.44 -18.87
N SER A 125 11.23 -1.74 -19.19
CA SER A 125 10.11 -2.41 -19.85
C SER A 125 9.06 -2.94 -18.87
N ARG A 126 9.41 -2.97 -17.59
CA ARG A 126 8.49 -3.39 -16.53
C ARG A 126 8.69 -2.45 -15.35
N PRO A 127 8.47 -1.14 -15.57
CA PRO A 127 8.94 -0.16 -14.59
C PRO A 127 8.09 -0.20 -13.34
N THR A 128 8.61 0.36 -12.25
CA THR A 128 7.87 0.58 -11.01
C THR A 128 7.04 1.85 -11.17
N PRO A 129 5.72 1.76 -10.94
CA PRO A 129 4.83 2.89 -11.13
C PRO A 129 5.20 3.98 -10.17
N ILE A 130 5.36 5.20 -10.70
CA ILE A 130 5.54 6.39 -9.85
C ILE A 130 4.19 6.68 -9.20
N GLY A 131 4.21 7.05 -7.93
CA GLY A 131 2.98 7.36 -7.21
C GLY A 131 3.10 7.36 -5.71
N SER A 132 1.99 7.69 -5.05
CA SER A 132 1.88 7.69 -3.60
C SER A 132 1.03 6.50 -3.20
N PHE A 133 1.65 5.50 -2.57
CA PHE A 133 0.96 4.25 -2.23
C PHE A 133 1.06 3.99 -0.74
N HIS A 134 0.54 2.85 -0.31
CA HIS A 134 0.63 2.43 1.08
C HIS A 134 0.85 0.92 1.17
N ALA A 135 1.37 0.46 2.30
CA ALA A 135 1.52 -0.95 2.57
C ALA A 135 0.13 -1.61 2.73
N MET A 136 -0.14 -2.61 1.91
CA MET A 136 -1.48 -3.19 1.85
C MET A 136 -1.60 -4.52 2.58
N SER A 137 -0.49 -5.25 2.70
CA SER A 137 -0.50 -6.56 3.34
C SER A 137 0.93 -6.87 3.67
N LYS A 138 1.12 -7.81 4.60
CA LYS A 138 2.42 -8.35 4.97
C LYS A 138 2.38 -9.88 4.83
N GLU A 139 3.15 -10.41 3.89
CA GLU A 139 3.27 -11.85 3.72
C GLU A 139 4.73 -12.28 3.86
N ARG A 140 4.97 -13.16 4.83
CA ARG A 140 6.30 -13.75 5.11
C ARG A 140 6.81 -14.55 3.93
N THR A 141 5.92 -15.34 3.34
CA THR A 141 6.22 -16.12 2.15
C THR A 141 5.07 -15.96 1.16
N VAL A 142 5.40 -15.65 -0.09
CA VAL A 142 4.42 -15.47 -1.17
C VAL A 142 4.98 -16.05 -2.46
N VAL A 143 4.12 -16.69 -3.24
CA VAL A 143 4.52 -17.14 -4.58
C VAL A 143 4.28 -16.01 -5.58
N MET A 144 5.34 -15.61 -6.28
CA MET A 144 5.25 -14.62 -7.33
C MET A 144 5.08 -15.35 -8.67
N ASP A 145 3.87 -15.26 -9.21
CA ASP A 145 3.51 -15.97 -10.41
C ASP A 145 3.22 -14.94 -11.48
N SER A 146 4.00 -14.93 -12.56
CA SER A 146 3.79 -13.96 -13.64
C SER A 146 2.39 -14.04 -14.26
N ARG A 147 1.73 -15.20 -14.15
CA ARG A 147 0.37 -15.35 -14.68
C ARG A 147 -0.61 -14.37 -14.05
N THR A 148 -0.41 -14.06 -12.76
CA THR A 148 -1.22 -13.04 -12.06
C THR A 148 -0.91 -11.59 -12.49
N ILE A 149 0.09 -11.38 -13.34
CA ILE A 149 0.24 -10.08 -14.01
C ILE A 149 0.10 -10.16 -15.55
N GLY A 150 -0.60 -11.20 -16.00
CA GLY A 150 -0.93 -11.38 -17.42
C GLY A 150 0.20 -11.88 -18.32
N ILE A 151 1.19 -12.54 -17.72
CA ILE A 151 2.32 -13.09 -18.50
C ILE A 151 2.42 -14.63 -18.39
N PRO A 152 2.31 -15.33 -19.54
CA PRO A 152 2.48 -16.78 -19.55
C PRO A 152 3.83 -17.20 -18.97
N LEU A 153 3.87 -18.38 -18.35
CA LEU A 153 5.12 -18.85 -17.77
C LEU A 153 6.22 -19.05 -18.80
N ASN A 154 5.85 -19.58 -19.98
CA ASN A 154 6.82 -19.83 -21.05
C ASN A 154 7.41 -18.63 -21.75
N SER A 155 6.70 -17.50 -21.75
CA SER A 155 7.21 -16.30 -22.40
C SER A 155 8.45 -15.87 -21.65
N SER A 156 9.38 -15.24 -22.36
CA SER A 156 10.68 -14.91 -21.77
C SER A 156 10.63 -14.00 -20.54
N ASP A 157 9.54 -13.24 -20.39
CA ASP A 157 9.31 -12.39 -19.23
C ASP A 157 8.59 -13.08 -18.10
N GLY A 158 8.19 -14.35 -18.30
CA GLY A 158 7.52 -15.16 -17.29
C GLY A 158 8.47 -15.54 -16.17
N TYR A 159 7.91 -16.01 -15.05
CA TYR A 159 8.64 -16.41 -13.85
C TYR A 159 7.64 -17.02 -12.86
N LEU A 160 8.15 -17.91 -12.02
CA LEU A 160 7.41 -18.43 -10.90
C LEU A 160 8.46 -18.70 -9.87
N LEU A 161 8.39 -17.98 -8.75
CA LEU A 161 9.35 -18.11 -7.68
C LEU A 161 8.71 -17.68 -6.39
N THR A 162 9.01 -18.44 -5.35
CA THR A 162 8.60 -18.10 -4.00
C THR A 162 9.49 -16.98 -3.42
N ALA A 163 8.85 -15.93 -2.89
CA ALA A 163 9.57 -14.79 -2.31
C ALA A 163 9.26 -14.62 -0.84
N HIS A 164 10.10 -13.85 -0.17
CA HIS A 164 9.95 -13.69 1.25
C HIS A 164 9.89 -12.23 1.64
N TYR A 165 9.19 -11.99 2.76
CA TYR A 165 9.10 -10.69 3.40
C TYR A 165 8.45 -9.72 2.45
N ALA A 166 7.22 -10.02 2.09
CA ALA A 166 6.61 -9.31 0.98
C ALA A 166 5.56 -8.31 1.46
N VAL A 167 5.69 -7.07 1.02
CA VAL A 167 4.71 -6.04 1.39
C VAL A 167 4.10 -5.55 0.10
N ARG A 168 2.79 -5.74 -0.03
CA ARG A 168 2.08 -5.32 -1.23
C ARG A 168 1.96 -3.81 -1.27
N VAL A 169 2.29 -3.22 -2.43
CA VAL A 169 2.33 -1.77 -2.59
C VAL A 169 1.11 -1.28 -3.41
N THR A 170 0.78 -2.03 -4.47
CA THR A 170 -0.36 -1.72 -5.34
C THR A 170 -1.32 -2.89 -5.49
N TRP A 171 -2.60 -2.58 -5.71
CA TRP A 171 -3.61 -3.61 -5.97
C TRP A 171 -3.30 -4.45 -7.21
N SER A 172 -2.49 -3.90 -8.13
CA SER A 172 -2.11 -4.58 -9.36
C SER A 172 -0.79 -5.39 -9.20
N GLY A 173 -0.19 -5.37 -8.00
CA GLY A 173 0.74 -6.41 -7.62
C GLY A 173 2.22 -6.07 -7.51
N VAL A 174 2.55 -4.78 -7.35
CA VAL A 174 3.90 -4.38 -6.97
C VAL A 174 4.12 -4.73 -5.49
N TYR A 175 5.34 -5.16 -5.17
CA TYR A 175 5.67 -5.50 -3.79
C TYR A 175 7.02 -4.95 -3.45
N VAL A 176 7.20 -4.62 -2.18
CA VAL A 176 8.52 -4.57 -1.59
C VAL A 176 8.76 -5.99 -1.09
N HIS A 177 9.88 -6.60 -1.49
CA HIS A 177 10.22 -7.96 -1.03
C HIS A 177 11.72 -8.28 -1.07
N SER A 178 12.06 -9.46 -0.58
CA SER A 178 13.44 -9.99 -0.59
C SER A 178 13.82 -10.57 -1.95
N ALA A 179 14.93 -10.09 -2.50
CA ALA A 179 15.41 -10.55 -3.79
C ALA A 179 16.89 -10.88 -3.66
N PRO A 180 17.21 -12.11 -3.17
CA PRO A 180 18.61 -12.57 -3.07
C PRO A 180 19.32 -12.60 -4.43
N TRP A 181 18.58 -12.96 -5.49
CA TRP A 181 19.10 -13.05 -6.87
C TRP A 181 19.59 -11.74 -7.53
N SER A 182 19.19 -10.58 -6.99
CA SER A 182 19.56 -9.31 -7.62
C SER A 182 20.34 -8.40 -6.67
N VAL A 183 20.99 -9.01 -5.69
CA VAL A 183 21.77 -8.26 -4.70
C VAL A 183 22.87 -7.40 -5.36
N ASN A 184 23.52 -7.96 -6.37
CA ASN A 184 24.60 -7.27 -7.12
C ASN A 184 24.11 -6.05 -7.93
N SER A 185 22.82 -6.05 -8.27
CA SER A 185 22.16 -4.92 -8.95
C SER A 185 21.62 -3.87 -7.98
N GLN A 186 21.29 -4.28 -6.76
CA GLN A 186 20.65 -3.38 -5.79
C GLN A 186 21.51 -2.19 -5.42
N GLY A 187 20.97 -1.00 -5.61
CA GLY A 187 21.73 0.24 -5.41
C GLY A 187 22.45 0.70 -6.69
N TYR A 188 22.45 -0.16 -7.71
CA TYR A 188 23.23 0.09 -8.93
C TYR A 188 22.35 0.13 -10.19
N ALA A 189 21.46 -0.83 -10.33
CA ALA A 189 20.61 -0.92 -11.52
C ALA A 189 19.16 -1.31 -11.19
N ASN A 190 18.26 -1.03 -12.12
CA ASN A 190 16.87 -1.44 -11.96
C ASN A 190 16.55 -2.67 -12.80
N VAL A 191 16.46 -3.83 -12.15
CA VAL A 191 16.39 -5.10 -12.88
C VAL A 191 15.13 -5.99 -12.64
N SER A 192 14.19 -5.55 -11.81
CA SER A 192 13.04 -6.39 -11.46
C SER A 192 11.87 -6.24 -12.44
N HIS A 193 10.83 -7.04 -12.26
CA HIS A 193 9.63 -6.89 -13.09
C HIS A 193 8.63 -5.83 -12.58
N GLY A 194 9.08 -4.95 -11.69
CA GLY A 194 8.29 -3.81 -11.21
C GLY A 194 8.39 -3.64 -9.70
N CYS A 195 8.82 -4.72 -9.04
CA CYS A 195 8.90 -4.77 -7.59
C CYS A 195 10.03 -3.96 -7.01
N ILE A 196 9.89 -3.58 -5.74
CA ILE A 196 11.00 -2.96 -5.04
C ILE A 196 11.79 -4.05 -4.35
N ASN A 197 12.94 -4.36 -4.95
CA ASN A 197 13.83 -5.46 -4.54
C ASN A 197 14.82 -5.05 -3.47
N LEU A 198 14.77 -5.73 -2.33
CA LEU A 198 15.72 -5.49 -1.27
C LEU A 198 16.57 -6.74 -0.97
N SER A 199 17.73 -6.55 -0.30
CA SER A 199 18.49 -7.70 0.20
C SER A 199 17.62 -8.42 1.21
N PRO A 200 17.84 -9.72 1.44
CA PRO A 200 17.09 -10.41 2.50
C PRO A 200 17.07 -9.69 3.86
N ASP A 201 18.21 -9.14 4.29
CA ASP A 201 18.29 -8.49 5.60
C ASP A 201 17.52 -7.18 5.69
N ASN A 202 17.58 -6.41 4.61
CA ASN A 202 16.88 -5.16 4.54
C ASN A 202 15.38 -5.38 4.44
N ALA A 203 14.99 -6.33 3.59
CA ALA A 203 13.59 -6.76 3.46
C ALA A 203 13.04 -7.28 4.78
N ALA A 204 13.81 -8.11 5.49
CA ALA A 204 13.38 -8.60 6.77
C ALA A 204 13.16 -7.44 7.76
N TRP A 205 14.14 -6.55 7.84
CA TRP A 205 14.05 -5.38 8.73
C TRP A 205 12.74 -4.59 8.48
N TYR A 206 12.47 -4.33 7.21
CA TYR A 206 11.38 -3.51 6.79
C TYR A 206 10.08 -4.23 7.05
N PHE A 207 10.06 -5.53 6.76
CA PHE A 207 8.91 -6.35 6.99
C PHE A 207 8.55 -6.24 8.47
N ASP A 208 9.56 -6.25 9.34
CA ASP A 208 9.32 -6.27 10.79
C ASP A 208 8.93 -4.92 11.30
N ALA A 209 9.25 -3.87 10.54
CA ALA A 209 8.97 -2.50 10.94
C ALA A 209 7.60 -2.01 10.47
N VAL A 210 7.19 -2.50 9.31
CA VAL A 210 6.05 -1.96 8.57
C VAL A 210 4.70 -2.38 9.18
N THR A 211 3.75 -1.45 9.06
CA THR A 211 2.34 -1.61 9.39
C THR A 211 1.50 -1.39 8.12
N VAL A 212 0.46 -2.20 7.97
CA VAL A 212 -0.49 -1.95 6.91
C VAL A 212 -0.94 -0.46 7.03
N GLY A 213 -0.99 0.24 5.91
CA GLY A 213 -1.26 1.68 5.87
C GLY A 213 -0.03 2.57 5.75
N ASP A 214 1.15 2.05 6.08
CA ASP A 214 2.36 2.89 6.10
C ASP A 214 2.60 3.38 4.69
N PRO A 215 2.91 4.68 4.52
CA PRO A 215 3.09 5.21 3.16
C PRO A 215 4.28 4.60 2.43
N ILE A 216 4.07 4.29 1.16
CA ILE A 216 5.14 3.90 0.28
C ILE A 216 5.12 4.86 -0.91
N GLU A 217 6.15 5.68 -0.98
CA GLU A 217 6.29 6.64 -2.06
C GLU A 217 7.28 6.11 -3.09
N VAL A 218 6.91 6.18 -4.37
CA VAL A 218 7.82 5.93 -5.48
C VAL A 218 8.07 7.24 -6.25
N VAL A 219 9.33 7.65 -6.32
CA VAL A 219 9.70 8.95 -6.92
C VAL A 219 10.62 8.82 -8.15
C7 IM2 B . 7.28 -7.71 -8.87
C2 IM2 B . 9.96 -11.21 -9.47
C6 IM2 B . 7.34 -9.16 -9.36
C5 IM2 B . 8.11 -10.16 -8.48
C3 IM2 B . 10.37 -10.13 -8.86
O7 IM2 B . 6.99 -6.78 -9.67
C61 IM2 B . 5.85 -9.43 -9.50
O62 IM2 B . 5.27 -8.30 -10.15
C62 IM2 B . 5.12 -9.64 -8.18
N4 IM2 B . 9.41 -9.62 -8.11
C31 IM2 B . 11.66 -9.51 -9.03
O31 IM2 B . 12.07 -9.27 -10.18
O32 IM2 B . 12.31 -9.24 -8.02
S21 IM2 B . 10.92 -12.22 -10.40
C1 IM2 B . 8.50 -11.43 -9.23
#